data_6P7T
#
_entry.id   6P7T
#
_cell.length_a   79.800
_cell.length_b   45.500
_cell.length_c   77.000
_cell.angle_alpha   90.000
_cell.angle_beta   97.700
_cell.angle_gamma   90.000
#
_symmetry.space_group_name_H-M   'C 1 2 1'
#
loop_
_entity.id
_entity.type
_entity.pdbx_description
1 polymer 'Toxin co-regulated pilus virulence regulatory protein'
2 water water
#
_entity_poly.entity_id   1
_entity_poly.type   'polypeptide(L)'
_entity_poly.pdbx_seq_one_letter_code
;MRENNTSFLVNVYDLKKFDTYAFNKVFIDDYKIFWINKGSAKLVDKNCLVSYTITASSVVLLKKNSIQRFSLMSLSDESI
SVCVLTIKNKFVNSLRHYLQGDLMIRNLYNEKKDLLLWNCELNDISVLGEIVSTYDQTQYSEDFLKIFFSGFFSKVEKKY
NSIFITDDLDAMEKISCLVKSDITRNWRWADICGELRTNRMILKKELESRGVKFRELINSIRISYSISLMATGEFKIKQI
AYQSGFASVSYFSTVFKSTMNVAPSEYLFMLTGVAEE
;
_entity_poly.pdbx_strand_id   A
#
# COMPACT_ATOMS: atom_id res chain seq x y z
N ARG A 2 16.67 13.49 0.00
CA ARG A 2 15.47 14.32 -0.03
C ARG A 2 14.74 14.25 1.30
N GLU A 3 13.89 15.24 1.55
CA GLU A 3 13.14 15.32 2.80
C GLU A 3 12.03 14.28 2.81
N ASN A 4 11.19 14.33 3.84
CA ASN A 4 10.05 13.42 3.97
C ASN A 4 8.85 13.97 3.20
N ASN A 5 7.65 13.72 3.72
CA ASN A 5 6.41 14.21 3.12
C ASN A 5 5.35 14.28 4.23
N THR A 6 4.10 14.48 3.83
CA THR A 6 3.01 14.57 4.80
C THR A 6 1.86 13.66 4.39
N SER A 7 0.75 14.24 3.89
CA SER A 7 -0.43 13.46 3.54
C SER A 7 -0.25 12.63 2.27
N PHE A 8 0.77 12.91 1.46
CA PHE A 8 1.01 12.17 0.24
C PHE A 8 2.49 11.79 0.15
N LEU A 9 2.75 10.51 -0.11
CA LEU A 9 4.09 9.98 -0.26
C LEU A 9 4.31 9.59 -1.70
N VAL A 10 5.29 10.22 -2.36
CA VAL A 10 5.62 9.94 -3.75
C VAL A 10 6.87 9.08 -3.76
N ASN A 11 6.77 7.92 -4.41
CA ASN A 11 7.91 7.01 -4.56
C ASN A 11 7.88 6.42 -5.96
N VAL A 12 8.90 6.73 -6.74
CA VAL A 12 9.01 6.27 -8.13
C VAL A 12 10.08 5.20 -8.20
N TYR A 13 9.78 4.13 -8.95
CA TYR A 13 10.70 3.00 -9.10
C TYR A 13 10.89 2.70 -10.58
N ASP A 14 12.08 2.23 -10.90
CA ASP A 14 12.45 1.87 -12.29
C ASP A 14 12.09 0.41 -12.52
N LEU A 15 11.23 0.14 -13.48
CA LEU A 15 10.83 -1.23 -13.79
C LEU A 15 11.79 -1.79 -14.83
N LYS A 16 12.68 -2.68 -14.41
CA LYS A 16 13.59 -3.33 -15.34
C LYS A 16 12.79 -4.19 -16.32
N LYS A 17 12.94 -3.84 -17.61
CA LYS A 17 12.24 -4.52 -18.72
C LYS A 17 12.41 -6.03 -18.58
N PHE A 18 11.30 -6.74 -18.59
CA PHE A 18 11.23 -8.23 -18.45
C PHE A 18 11.68 -8.69 -17.05
N ASP A 19 11.56 -7.84 -16.03
CA ASP A 19 11.88 -8.32 -14.66
C ASP A 19 10.55 -8.51 -13.91
N THR A 20 10.47 -9.56 -13.09
CA THR A 20 9.25 -9.89 -12.31
C THR A 20 9.34 -9.29 -10.92
N TYR A 21 8.30 -8.55 -10.51
CA TYR A 21 8.16 -7.89 -9.22
C TYR A 21 7.14 -8.69 -8.41
N ALA A 22 7.61 -9.72 -7.71
CA ALA A 22 6.75 -10.61 -6.94
C ALA A 22 6.63 -10.11 -5.51
N PHE A 23 5.40 -10.20 -4.97
CA PHE A 23 5.12 -9.79 -3.60
C PHE A 23 4.36 -10.93 -2.93
N ASN A 24 4.92 -11.48 -1.86
CA ASN A 24 4.30 -12.57 -1.11
C ASN A 24 3.94 -12.05 0.27
N LYS A 25 2.65 -11.75 0.47
CA LYS A 25 2.10 -11.36 1.77
C LYS A 25 2.79 -10.10 2.29
N VAL A 26 2.67 -9.03 1.52
CA VAL A 26 3.21 -7.73 1.89
C VAL A 26 2.11 -6.91 2.55
N PHE A 27 2.42 -6.29 3.69
CA PHE A 27 1.44 -5.53 4.42
C PHE A 27 1.34 -4.12 3.85
N ILE A 28 0.13 -3.70 3.52
CA ILE A 28 -0.14 -2.38 2.97
C ILE A 28 -0.64 -1.53 4.13
N ASP A 29 0.23 -0.66 4.66
CA ASP A 29 -0.08 0.09 5.87
C ASP A 29 -1.13 1.16 5.60
N ASP A 30 -0.94 1.95 4.54
CA ASP A 30 -1.88 3.00 4.15
C ASP A 30 -2.37 2.74 2.73
N TYR A 31 -3.40 3.48 2.35
CA TYR A 31 -3.92 3.38 0.99
C TYR A 31 -2.83 3.74 -0.02
N LYS A 32 -2.74 2.96 -1.09
CA LYS A 32 -1.72 3.16 -2.11
C LYS A 32 -2.32 2.98 -3.49
N ILE A 33 -1.98 3.90 -4.40
CA ILE A 33 -2.28 3.76 -5.82
C ILE A 33 -0.97 3.82 -6.58
N PHE A 34 -0.89 3.04 -7.66
CA PHE A 34 0.31 3.06 -8.50
C PHE A 34 -0.09 2.92 -9.95
N TRP A 35 0.67 3.59 -10.82
CA TRP A 35 0.44 3.57 -12.25
C TRP A 35 1.77 3.76 -12.96
N ILE A 36 1.82 3.31 -14.21
CA ILE A 36 3.02 3.44 -15.02
C ILE A 36 2.92 4.72 -15.84
N ASN A 37 4.06 5.42 -15.98
CA ASN A 37 4.05 6.66 -16.74
C ASN A 37 3.93 6.40 -18.24
N LYS A 38 4.70 5.44 -18.76
CA LYS A 38 4.64 5.09 -20.17
C LYS A 38 4.59 3.57 -20.30
N GLY A 39 4.81 3.06 -21.51
CA GLY A 39 4.84 1.65 -21.85
C GLY A 39 3.59 0.90 -21.40
N SER A 40 3.80 -0.39 -21.13
CA SER A 40 2.74 -1.29 -20.70
C SER A 40 3.36 -2.40 -19.85
N ALA A 41 2.51 -3.04 -19.04
CA ALA A 41 2.98 -4.07 -18.13
C ALA A 41 1.82 -5.02 -17.83
N LYS A 42 2.16 -6.15 -17.22
CA LYS A 42 1.20 -7.18 -16.84
C LYS A 42 1.12 -7.27 -15.33
N LEU A 43 -0.09 -7.31 -14.80
CA LEU A 43 -0.34 -7.43 -13.37
C LEU A 43 -0.97 -8.78 -13.08
N VAL A 44 -0.33 -9.57 -12.23
CA VAL A 44 -0.78 -10.92 -11.90
C VAL A 44 -1.07 -10.98 -10.41
N ASP A 45 -2.34 -11.07 -10.05
CA ASP A 45 -2.72 -11.32 -8.67
C ASP A 45 -2.62 -12.81 -8.37
N LYS A 46 -1.89 -13.17 -7.32
CA LYS A 46 -1.69 -14.57 -6.97
C LYS A 46 -2.78 -15.13 -6.08
N ASN A 47 -3.48 -14.30 -5.32
CA ASN A 47 -4.58 -14.79 -4.49
C ASN A 47 -5.71 -15.34 -5.37
N CYS A 48 -6.26 -14.49 -6.23
CA CYS A 48 -7.22 -14.91 -7.24
C CYS A 48 -6.49 -15.09 -8.56
N LEU A 49 -6.50 -16.32 -9.09
CA LEU A 49 -5.78 -16.64 -10.32
C LEU A 49 -6.28 -15.78 -11.49
N VAL A 50 -5.97 -14.48 -11.44
CA VAL A 50 -6.43 -13.51 -12.43
C VAL A 50 -5.24 -12.66 -12.85
N SER A 51 -5.16 -12.38 -14.15
CA SER A 51 -4.10 -11.54 -14.71
C SER A 51 -4.71 -10.28 -15.31
N TYR A 52 -3.87 -9.27 -15.50
CA TYR A 52 -4.31 -7.99 -16.05
C TYR A 52 -3.22 -7.44 -16.97
N THR A 53 -3.62 -6.50 -17.83
CA THR A 53 -2.71 -5.82 -18.73
C THR A 53 -2.90 -4.32 -18.51
N ILE A 54 -2.11 -3.75 -17.61
CA ILE A 54 -2.24 -2.34 -17.26
C ILE A 54 -1.51 -1.49 -18.29
N THR A 55 -2.04 -0.29 -18.51
CA THR A 55 -1.43 0.66 -19.45
C THR A 55 -1.19 1.99 -18.75
N ALA A 56 -0.83 3.01 -19.53
CA ALA A 56 -0.64 4.34 -18.96
C ALA A 56 -1.94 4.96 -18.48
N SER A 57 -3.07 4.51 -19.00
CA SER A 57 -4.38 4.98 -18.56
C SER A 57 -4.94 4.18 -17.39
N SER A 58 -4.24 3.13 -16.97
CA SER A 58 -4.72 2.27 -15.89
C SER A 58 -4.15 2.72 -14.55
N VAL A 59 -4.95 2.57 -13.50
CA VAL A 59 -4.52 2.83 -12.14
C VAL A 59 -4.99 1.69 -11.26
N VAL A 60 -4.19 1.38 -10.24
CA VAL A 60 -4.43 0.25 -9.35
C VAL A 60 -4.49 0.77 -7.91
N LEU A 61 -5.43 0.24 -7.13
CA LEU A 61 -5.61 0.63 -5.75
C LEU A 61 -5.32 -0.56 -4.84
N LEU A 62 -4.50 -0.33 -3.82
CA LEU A 62 -4.21 -1.32 -2.78
C LEU A 62 -4.75 -0.80 -1.46
N LYS A 63 -5.75 -1.48 -0.92
CA LYS A 63 -6.45 -0.98 0.26
C LYS A 63 -5.58 -1.10 1.50
N LYS A 64 -5.86 -0.23 2.48
CA LYS A 64 -5.11 -0.22 3.73
C LYS A 64 -5.34 -1.50 4.51
N ASN A 65 -4.33 -1.88 5.30
CA ASN A 65 -4.41 -3.03 6.20
C ASN A 65 -4.72 -4.31 5.44
N SER A 66 -4.10 -4.46 4.27
CA SER A 66 -4.33 -5.62 3.42
C SER A 66 -3.05 -6.42 3.26
N ILE A 67 -3.21 -7.72 3.05
CA ILE A 67 -2.10 -8.65 2.82
C ILE A 67 -2.15 -9.03 1.35
N GLN A 68 -1.21 -8.50 0.56
CA GLN A 68 -1.24 -8.63 -0.88
C GLN A 68 -0.29 -9.73 -1.36
N ARG A 69 -0.78 -10.55 -2.29
CA ARG A 69 0.04 -11.55 -2.99
C ARG A 69 -0.18 -11.34 -4.48
N PHE A 70 0.70 -10.57 -5.12
CA PHE A 70 0.56 -10.29 -6.54
C PHE A 70 1.94 -10.13 -7.16
N SER A 71 1.95 -9.97 -8.48
CA SER A 71 3.19 -9.80 -9.23
C SER A 71 2.96 -8.79 -10.35
N LEU A 72 4.05 -8.10 -10.73
CA LEU A 72 4.03 -7.13 -11.80
C LEU A 72 5.22 -7.38 -12.71
N MET A 73 4.98 -7.44 -14.01
CA MET A 73 6.02 -7.77 -14.99
C MET A 73 6.02 -6.74 -16.10
N SER A 74 7.21 -6.31 -16.50
CA SER A 74 7.33 -5.32 -17.56
C SER A 74 7.06 -5.94 -18.92
N LEU A 75 6.44 -5.15 -19.80
CA LEU A 75 6.16 -5.58 -21.17
C LEU A 75 6.58 -4.53 -22.18
N SER A 76 7.49 -3.63 -21.82
CA SER A 76 7.92 -2.55 -22.69
C SER A 76 9.44 -2.52 -22.75
N ASP A 77 9.95 -2.05 -23.89
CA ASP A 77 11.40 -1.95 -24.19
C ASP A 77 12.01 -0.76 -23.46
N GLU A 78 11.16 0.12 -22.92
CA GLU A 78 11.62 1.30 -22.20
C GLU A 78 11.62 1.02 -20.70
N SER A 79 12.63 1.54 -20.01
CA SER A 79 12.68 1.41 -18.56
C SER A 79 11.48 2.11 -17.94
N ILE A 80 10.41 1.34 -17.67
CA ILE A 80 9.15 1.94 -17.22
C ILE A 80 9.32 2.53 -15.82
N SER A 81 8.54 3.56 -15.54
CA SER A 81 8.66 4.37 -14.33
C SER A 81 7.41 4.21 -13.49
N VAL A 82 7.41 3.20 -12.61
CA VAL A 82 6.26 2.96 -11.75
C VAL A 82 6.23 4.00 -10.65
N CYS A 83 5.13 4.76 -10.58
CA CYS A 83 4.93 5.76 -9.53
C CYS A 83 3.96 5.21 -8.51
N VAL A 84 4.40 5.11 -7.26
CA VAL A 84 3.59 4.60 -6.16
C VAL A 84 3.27 5.75 -5.22
N LEU A 85 1.98 6.05 -5.08
CA LEU A 85 1.52 7.17 -4.25
C LEU A 85 0.79 6.62 -3.04
N THR A 86 1.19 7.08 -1.86
CA THR A 86 0.59 6.66 -0.60
C THR A 86 -0.34 7.75 -0.07
N ILE A 87 -1.51 7.34 0.42
CA ILE A 87 -2.53 8.24 0.92
C ILE A 87 -2.69 7.99 2.41
N LYS A 88 -2.31 8.95 3.24
CA LYS A 88 -2.34 8.77 4.69
C LYS A 88 -3.76 8.98 5.23
N ASN A 89 -3.90 8.76 6.54
CA ASN A 89 -5.22 8.79 7.16
C ASN A 89 -5.83 10.18 7.19
N LYS A 90 -4.99 11.23 7.28
CA LYS A 90 -5.52 12.58 7.42
C LYS A 90 -6.32 12.99 6.19
N PHE A 91 -5.88 12.56 5.00
CA PHE A 91 -6.67 12.81 3.80
C PHE A 91 -7.85 11.86 3.68
N VAL A 92 -7.73 10.66 4.26
CA VAL A 92 -8.83 9.69 4.20
C VAL A 92 -10.03 10.22 4.98
N ASN A 93 -9.81 10.68 6.20
CA ASN A 93 -10.91 11.24 7.00
C ASN A 93 -11.44 12.53 6.38
N SER A 94 -10.59 13.31 5.72
CA SER A 94 -11.05 14.53 5.06
C SER A 94 -11.87 14.21 3.83
N LEU A 95 -11.49 13.16 3.11
CA LEU A 95 -12.21 12.82 1.85
C LEU A 95 -13.57 12.23 2.19
N ARG A 96 -13.63 11.41 3.23
CA ARG A 96 -14.87 10.71 3.62
C ARG A 96 -15.94 11.72 4.08
N HIS A 97 -15.53 12.82 4.69
CA HIS A 97 -16.50 13.83 5.15
C HIS A 97 -16.98 14.68 3.98
N TYR A 98 -16.06 15.35 3.29
CA TYR A 98 -16.38 16.24 2.14
C TYR A 98 -17.39 15.60 1.19
N LEU A 99 -17.36 14.27 1.03
CA LEU A 99 -18.35 13.62 0.18
C LEU A 99 -19.65 13.49 0.95
N GLN A 100 -20.66 14.28 0.55
CA GLN A 100 -21.97 14.26 1.19
C GLN A 100 -22.91 13.24 0.57
N GLY A 101 -22.46 12.46 -0.40
CA GLY A 101 -23.33 11.50 -1.04
C GLY A 101 -23.50 10.22 -0.23
N ASP A 102 -24.65 9.59 -0.40
CA ASP A 102 -24.97 8.32 0.24
C ASP A 102 -25.49 7.35 -0.82
N LEU A 103 -24.74 6.27 -1.06
CA LEU A 103 -25.11 5.32 -2.10
C LEU A 103 -26.33 4.52 -1.67
N MET A 104 -27.27 4.36 -2.59
CA MET A 104 -28.47 3.58 -2.30
C MET A 104 -28.24 2.09 -2.53
N ILE A 105 -27.36 1.73 -3.45
CA ILE A 105 -26.98 0.35 -3.71
C ILE A 105 -25.47 0.28 -3.79
N ARG A 106 -24.85 -0.48 -2.88
CA ARG A 106 -23.40 -0.52 -2.75
C ARG A 106 -22.90 -1.90 -3.17
N ASN A 107 -21.99 -1.92 -4.14
CA ASN A 107 -21.37 -3.16 -4.61
C ASN A 107 -20.42 -3.66 -3.53
N LEU A 108 -20.90 -4.61 -2.72
CA LEU A 108 -20.08 -5.11 -1.62
C LEU A 108 -18.91 -5.94 -2.10
N TYR A 109 -18.97 -6.50 -3.30
CA TYR A 109 -17.83 -7.23 -3.84
C TYR A 109 -16.64 -6.31 -4.06
N ASN A 110 -16.88 -5.13 -4.64
CA ASN A 110 -15.81 -4.16 -4.84
C ASN A 110 -15.32 -3.56 -3.52
N GLU A 111 -16.12 -3.63 -2.46
CA GLU A 111 -15.68 -3.15 -1.16
C GLU A 111 -14.82 -4.17 -0.43
N LYS A 112 -15.04 -5.46 -0.68
CA LYS A 112 -14.24 -6.50 -0.04
C LYS A 112 -12.94 -6.77 -0.79
N LYS A 113 -12.87 -6.42 -2.07
CA LYS A 113 -11.66 -6.65 -2.85
C LYS A 113 -10.54 -5.73 -2.37
N ASP A 114 -9.31 -6.25 -2.39
CA ASP A 114 -8.14 -5.51 -1.92
C ASP A 114 -7.27 -4.98 -3.05
N LEU A 115 -7.58 -5.29 -4.30
CA LEU A 115 -6.78 -4.85 -5.44
C LEU A 115 -7.75 -4.45 -6.56
N LEU A 116 -8.08 -3.17 -6.62
CA LEU A 116 -8.96 -2.64 -7.65
C LEU A 116 -8.16 -2.16 -8.86
N LEU A 117 -8.86 -1.97 -9.97
CA LEU A 117 -8.24 -1.53 -11.21
C LEU A 117 -9.23 -0.66 -11.98
N TRP A 118 -8.82 0.56 -12.31
CA TRP A 118 -9.63 1.46 -13.11
C TRP A 118 -8.82 1.98 -14.28
N ASN A 119 -9.52 2.35 -15.35
CA ASN A 119 -8.92 3.03 -16.49
C ASN A 119 -9.44 4.46 -16.48
N CYS A 120 -8.58 5.40 -16.08
CA CYS A 120 -9.01 6.77 -15.88
C CYS A 120 -9.22 7.47 -17.23
N GLU A 121 -9.90 8.61 -17.16
CA GLU A 121 -10.01 9.48 -18.31
C GLU A 121 -8.64 10.03 -18.68
N LEU A 122 -8.31 9.99 -19.97
CA LEU A 122 -7.00 10.43 -20.44
C LEU A 122 -6.67 11.85 -20.00
N ASN A 123 -7.68 12.66 -19.71
CA ASN A 123 -7.42 13.98 -19.13
C ASN A 123 -6.86 13.85 -17.72
N ASP A 124 -7.33 12.86 -16.95
CA ASP A 124 -6.87 12.71 -15.58
C ASP A 124 -5.44 12.17 -15.53
N ILE A 125 -5.05 11.33 -16.49
CA ILE A 125 -3.66 10.86 -16.54
C ILE A 125 -2.71 12.03 -16.75
N SER A 126 -3.13 13.00 -17.56
CA SER A 126 -2.31 14.21 -17.75
C SER A 126 -2.18 14.99 -16.46
N VAL A 127 -3.27 15.12 -15.70
CA VAL A 127 -3.21 15.83 -14.43
C VAL A 127 -2.47 15.00 -13.40
N LEU A 128 -2.46 13.67 -13.54
CA LEU A 128 -1.77 12.79 -12.61
C LEU A 128 -0.27 13.08 -12.59
N GLY A 129 0.42 12.74 -13.68
CA GLY A 129 1.86 12.91 -13.74
C GLY A 129 2.31 14.36 -13.67
N GLU A 130 1.40 15.31 -13.89
CA GLU A 130 1.77 16.72 -13.84
C GLU A 130 1.95 17.19 -12.41
N ILE A 131 0.98 16.91 -11.54
CA ILE A 131 1.08 17.34 -10.15
C ILE A 131 2.12 16.51 -9.41
N VAL A 132 2.28 15.24 -9.77
CA VAL A 132 3.26 14.39 -9.09
C VAL A 132 4.67 14.89 -9.36
N SER A 133 4.93 15.40 -10.56
CA SER A 133 6.25 15.89 -10.93
C SER A 133 6.58 17.22 -10.26
N THR A 134 5.66 17.82 -9.51
CA THR A 134 5.88 19.10 -8.84
C THR A 134 6.09 18.97 -7.33
N TYR A 135 5.49 17.92 -6.74
CA TYR A 135 5.57 17.63 -5.28
C TYR A 135 7.00 17.80 -4.76
N ASP A 136 7.18 18.66 -3.75
CA ASP A 136 6.04 19.20 -2.97
C ASP A 136 6.31 20.65 -2.54
N GLN A 137 5.30 21.27 -1.91
CA GLN A 137 5.34 22.66 -1.41
C GLN A 137 4.75 22.65 0.02
N THR A 138 5.02 23.69 0.81
CA THR A 138 4.50 23.76 2.20
C THR A 138 2.99 23.94 2.21
N GLN A 139 2.23 22.85 2.36
CA GLN A 139 0.74 22.90 2.42
C GLN A 139 0.22 23.59 1.16
N TYR A 140 0.96 23.45 0.07
CA TYR A 140 0.60 24.08 -1.19
C TYR A 140 0.46 23.02 -2.28
N SER A 141 1.45 22.13 -2.39
CA SER A 141 1.29 20.96 -3.24
C SER A 141 0.41 19.91 -2.58
N GLU A 142 0.36 19.90 -1.24
CA GLU A 142 -0.55 19.01 -0.52
C GLU A 142 -1.99 19.33 -0.88
N ASP A 143 -2.30 20.60 -1.14
CA ASP A 143 -3.64 21.01 -1.54
C ASP A 143 -3.92 20.77 -3.02
N PHE A 144 -2.88 20.66 -3.85
CA PHE A 144 -3.09 20.40 -5.27
C PHE A 144 -3.58 18.98 -5.50
N LEU A 145 -3.00 18.00 -4.81
CA LEU A 145 -3.52 16.64 -4.87
C LEU A 145 -4.75 16.47 -4.00
N LYS A 146 -4.92 17.31 -2.98
CA LYS A 146 -6.12 17.24 -2.15
C LYS A 146 -7.37 17.51 -2.96
N ILE A 147 -7.29 18.41 -3.94
CA ILE A 147 -8.45 18.74 -4.75
C ILE A 147 -8.63 17.73 -5.88
N PHE A 148 -7.53 17.20 -6.42
CA PHE A 148 -7.64 16.24 -7.52
C PHE A 148 -8.32 14.96 -7.06
N PHE A 149 -7.84 14.37 -5.96
CA PHE A 149 -8.45 13.14 -5.47
C PHE A 149 -9.80 13.37 -4.80
N SER A 150 -10.13 14.61 -4.47
CA SER A 150 -11.47 14.91 -3.99
C SER A 150 -12.51 14.73 -5.09
N GLY A 151 -12.10 14.88 -6.35
CA GLY A 151 -13.01 14.69 -7.46
C GLY A 151 -12.81 13.36 -8.16
N PHE A 152 -11.58 12.85 -8.16
CA PHE A 152 -11.31 11.56 -8.78
C PHE A 152 -11.98 10.43 -8.01
N PHE A 153 -11.78 10.39 -6.69
CA PHE A 153 -12.41 9.36 -5.88
C PHE A 153 -13.92 9.55 -5.80
N SER A 154 -14.39 10.80 -5.80
CA SER A 154 -15.83 11.04 -5.83
C SER A 154 -16.44 10.55 -7.14
N LYS A 155 -15.69 10.67 -8.24
CA LYS A 155 -16.20 10.23 -9.53
C LYS A 155 -16.21 8.71 -9.61
N VAL A 156 -15.13 8.06 -9.17
CA VAL A 156 -15.02 6.61 -9.32
C VAL A 156 -15.92 5.87 -8.33
N GLU A 157 -16.22 6.48 -7.19
CA GLU A 157 -17.05 5.80 -6.20
C GLU A 157 -18.50 5.72 -6.67
N LYS A 158 -19.04 6.85 -7.14
CA LYS A 158 -20.40 6.89 -7.67
C LYS A 158 -20.50 6.25 -9.05
N LYS A 159 -19.39 6.11 -9.77
CA LYS A 159 -19.40 5.41 -11.04
C LYS A 159 -19.55 3.91 -10.83
N TYR A 160 -18.84 3.36 -9.84
CA TYR A 160 -18.90 1.94 -9.53
C TYR A 160 -19.87 1.62 -8.40
N ASN A 161 -20.48 2.64 -7.78
CA ASN A 161 -21.39 2.45 -6.65
C ASN A 161 -20.75 1.63 -5.55
N SER A 162 -19.55 2.06 -5.14
CA SER A 162 -18.80 1.33 -4.12
C SER A 162 -17.93 2.32 -3.34
N ILE A 163 -17.80 2.06 -2.04
CA ILE A 163 -16.86 2.82 -1.22
C ILE A 163 -15.48 2.19 -1.37
N PHE A 164 -14.52 2.97 -1.87
CA PHE A 164 -13.16 2.49 -2.08
C PHE A 164 -12.20 2.92 -0.98
N ILE A 165 -12.50 4.00 -0.27
CA ILE A 165 -11.67 4.51 0.81
C ILE A 165 -12.58 4.64 2.03
N THR A 166 -12.62 3.62 2.86
CA THR A 166 -13.45 3.64 4.07
C THR A 166 -12.81 4.56 5.12
N ASP A 167 -13.57 4.83 6.17
CA ASP A 167 -13.15 5.81 7.16
C ASP A 167 -12.13 5.24 8.15
N ASP A 168 -12.65 4.66 9.23
CA ASP A 168 -11.82 4.06 10.31
C ASP A 168 -12.52 2.78 10.76
N LEU A 169 -12.61 2.59 12.09
CA LEU A 169 -13.27 1.45 12.79
C LEU A 169 -13.13 0.15 12.00
N ASP A 170 -11.93 -0.41 11.96
CA ASP A 170 -11.75 -1.72 11.28
C ASP A 170 -10.93 -2.59 12.22
N ALA A 171 -11.23 -3.87 12.31
CA ALA A 171 -10.46 -4.69 13.24
C ALA A 171 -8.99 -4.76 12.86
N MET A 172 -8.68 -4.72 11.56
CA MET A 172 -7.28 -4.80 11.14
C MET A 172 -6.55 -3.50 11.47
N GLU A 173 -7.24 -2.37 11.47
CA GLU A 173 -6.62 -1.11 11.85
C GLU A 173 -6.25 -1.11 13.33
N LYS A 174 -7.05 -1.76 14.17
CA LYS A 174 -6.74 -1.81 15.60
C LYS A 174 -5.53 -2.69 15.87
N ILE A 175 -5.43 -3.84 15.20
CA ILE A 175 -4.30 -4.73 15.39
C ILE A 175 -3.02 -4.08 14.86
N SER A 176 -3.12 -3.40 13.72
CA SER A 176 -1.94 -2.80 13.10
C SER A 176 -1.39 -1.66 13.96
N CYS A 177 -2.25 -0.73 14.37
CA CYS A 177 -1.80 0.38 15.19
C CYS A 177 -1.34 -0.09 16.57
N LEU A 178 -1.85 -1.22 17.05
CA LEU A 178 -1.42 -1.75 18.33
C LEU A 178 0.01 -2.27 18.24
N VAL A 179 0.31 -3.05 17.19
CA VAL A 179 1.66 -3.60 17.04
C VAL A 179 2.65 -2.49 16.73
N LYS A 180 2.25 -1.51 15.91
CA LYS A 180 3.14 -0.41 15.57
C LYS A 180 3.36 0.56 16.74
N SER A 181 2.50 0.52 17.76
CA SER A 181 2.72 1.34 18.94
C SER A 181 3.87 0.83 19.79
N ASP A 182 4.26 -0.44 19.62
CA ASP A 182 5.41 -1.03 20.30
C ASP A 182 5.97 -2.10 19.35
N ILE A 183 6.69 -1.62 18.33
CA ILE A 183 7.11 -2.49 17.24
C ILE A 183 8.10 -3.55 17.70
N THR A 184 8.93 -3.23 18.70
CA THR A 184 9.93 -4.19 19.19
C THR A 184 9.38 -5.15 20.22
N ARG A 185 8.17 -4.91 20.73
CA ARG A 185 7.58 -5.79 21.73
C ARG A 185 7.32 -7.17 21.14
N ASN A 186 7.57 -8.21 21.94
CA ASN A 186 7.32 -9.59 21.53
C ASN A 186 5.84 -9.89 21.71
N TRP A 187 5.04 -9.44 20.74
CA TRP A 187 3.59 -9.60 20.82
C TRP A 187 3.20 -11.07 20.67
N ARG A 188 2.30 -11.52 21.53
CA ARG A 188 1.73 -12.86 21.47
C ARG A 188 0.23 -12.75 21.23
N TRP A 189 -0.44 -13.90 21.15
CA TRP A 189 -1.88 -13.90 20.91
C TRP A 189 -2.63 -13.28 22.08
N ALA A 190 -2.18 -13.53 23.31
CA ALA A 190 -2.89 -13.03 24.48
C ALA A 190 -2.82 -11.51 24.58
N ASP A 191 -1.72 -10.90 24.12
CA ASP A 191 -1.59 -9.45 24.20
C ASP A 191 -2.55 -8.75 23.24
N ILE A 192 -2.84 -9.36 22.09
CA ILE A 192 -3.73 -8.73 21.13
C ILE A 192 -5.18 -8.84 21.60
N CYS A 193 -5.59 -10.03 22.05
CA CYS A 193 -6.97 -10.22 22.48
C CYS A 193 -7.29 -9.36 23.70
N GLY A 194 -6.34 -9.24 24.62
CA GLY A 194 -6.56 -8.50 25.85
C GLY A 194 -6.81 -7.02 25.65
N GLU A 195 -5.85 -6.32 25.03
CA GLU A 195 -5.98 -4.89 24.84
C GLU A 195 -7.02 -4.52 23.78
N LEU A 196 -7.53 -5.49 23.02
CA LEU A 196 -8.64 -5.24 22.11
C LEU A 196 -9.99 -5.59 22.71
N ARG A 197 -10.01 -6.19 23.91
CA ARG A 197 -11.26 -6.50 24.62
C ARG A 197 -12.16 -7.42 23.80
N THR A 198 -11.56 -8.41 23.16
CA THR A 198 -12.30 -9.37 22.34
C THR A 198 -11.62 -10.72 22.44
N ASN A 199 -12.15 -11.70 21.69
CA ASN A 199 -11.63 -13.08 21.62
C ASN A 199 -11.41 -13.48 20.16
N ARG A 200 -11.08 -14.76 19.92
CA ARG A 200 -10.72 -15.32 18.58
C ARG A 200 -11.89 -15.41 17.59
N MET A 201 -12.97 -14.64 17.73
CA MET A 201 -14.05 -14.72 16.72
C MET A 201 -13.69 -13.78 15.57
N ILE A 202 -13.48 -12.50 15.86
CA ILE A 202 -13.12 -11.54 14.78
C ILE A 202 -11.61 -11.65 14.54
N LEU A 203 -10.89 -12.16 15.54
CA LEU A 203 -9.41 -12.26 15.42
C LEU A 203 -9.03 -13.32 14.40
N LYS A 204 -9.19 -14.60 14.72
CA LYS A 204 -8.82 -15.65 13.73
C LYS A 204 -9.51 -15.42 12.38
N LYS A 205 -10.73 -14.88 12.36
CA LYS A 205 -11.34 -14.74 11.05
C LYS A 205 -10.60 -13.72 10.20
N GLU A 206 -10.22 -12.57 10.79
CA GLU A 206 -9.47 -11.57 10.04
C GLU A 206 -8.10 -12.09 9.60
N LEU A 207 -7.55 -13.08 10.30
CA LEU A 207 -6.30 -13.68 9.85
C LEU A 207 -6.54 -14.72 8.75
N GLU A 208 -7.62 -15.50 8.89
CA GLU A 208 -7.98 -16.50 7.89
C GLU A 208 -8.56 -15.86 6.64
N SER A 209 -9.17 -14.68 6.77
CA SER A 209 -9.70 -14.00 5.59
C SER A 209 -8.58 -13.52 4.68
N ARG A 210 -7.40 -13.26 5.23
CA ARG A 210 -6.25 -12.84 4.46
C ARG A 210 -5.24 -13.96 4.26
N GLY A 211 -5.49 -15.13 4.83
CA GLY A 211 -4.61 -16.28 4.63
C GLY A 211 -3.24 -16.10 5.26
N VAL A 212 -3.20 -15.66 6.51
CA VAL A 212 -1.95 -15.44 7.21
C VAL A 212 -2.09 -15.92 8.65
N LYS A 213 -1.04 -16.57 9.15
CA LYS A 213 -0.98 -16.93 10.57
C LYS A 213 -0.77 -15.67 11.41
N PHE A 214 -0.75 -15.85 12.73
CA PHE A 214 -0.49 -14.72 13.61
C PHE A 214 0.94 -14.24 13.49
N ARG A 215 1.89 -15.18 13.36
CA ARG A 215 3.28 -14.80 13.21
C ARG A 215 3.55 -14.19 11.84
N GLU A 216 2.89 -14.70 10.80
CA GLU A 216 3.07 -14.17 9.46
C GLU A 216 2.61 -12.72 9.37
N LEU A 217 1.52 -12.39 10.05
CA LEU A 217 1.02 -11.01 10.04
C LEU A 217 2.02 -10.06 10.70
N ILE A 218 2.56 -10.45 11.85
CA ILE A 218 3.47 -9.59 12.59
C ILE A 218 4.73 -9.34 11.77
N ASN A 219 5.24 -10.37 11.10
CA ASN A 219 6.44 -10.19 10.28
C ASN A 219 6.19 -9.23 9.12
N SER A 220 5.04 -9.34 8.45
CA SER A 220 4.75 -8.46 7.33
C SER A 220 4.55 -7.02 7.78
N ILE A 221 3.99 -6.82 8.98
CA ILE A 221 3.86 -5.47 9.52
C ILE A 221 5.24 -4.86 9.75
N ARG A 222 6.19 -5.67 10.23
CA ARG A 222 7.53 -5.17 10.50
C ARG A 222 8.32 -4.94 9.22
N ILE A 223 7.99 -5.65 8.13
CA ILE A 223 8.66 -5.43 6.86
C ILE A 223 8.32 -4.03 6.34
N SER A 224 7.03 -3.68 6.30
CA SER A 224 6.65 -2.36 5.81
C SER A 224 7.16 -1.26 6.72
N TYR A 225 7.24 -1.53 8.02
CA TYR A 225 7.84 -0.56 8.94
C TYR A 225 9.33 -0.37 8.62
N SER A 226 10.04 -1.45 8.32
CA SER A 226 11.43 -1.34 7.92
C SER A 226 11.59 -0.61 6.60
N ILE A 227 10.62 -0.76 5.71
CA ILE A 227 10.65 -0.06 4.43
C ILE A 227 10.50 1.44 4.64
N SER A 228 9.64 1.84 5.58
CA SER A 228 9.49 3.26 5.88
C SER A 228 10.76 3.87 6.46
N LEU A 229 11.60 3.05 7.10
CA LEU A 229 12.88 3.54 7.61
C LEU A 229 13.90 3.70 6.47
N MET A 230 13.91 2.75 5.53
CA MET A 230 14.78 2.87 4.36
C MET A 230 14.39 4.05 3.48
N ALA A 231 13.15 4.53 3.57
CA ALA A 231 12.70 5.62 2.73
C ALA A 231 13.42 6.93 3.03
N THR A 232 13.98 7.07 4.22
CA THR A 232 14.69 8.30 4.57
C THR A 232 15.93 8.48 3.72
N GLY A 233 16.73 7.43 3.56
CA GLY A 233 17.90 7.48 2.69
C GLY A 233 19.16 7.00 3.38
N GLU A 234 19.30 7.27 4.67
CA GLU A 234 20.49 6.91 5.42
C GLU A 234 20.09 6.02 6.59
N PHE A 235 20.59 4.79 6.59
CA PHE A 235 20.34 3.81 7.66
C PHE A 235 21.04 2.51 7.35
N LYS A 236 21.81 1.98 8.31
CA LYS A 236 22.43 0.68 8.13
C LYS A 236 21.41 -0.43 8.34
N ILE A 237 21.52 -1.48 7.53
CA ILE A 237 20.56 -2.58 7.56
C ILE A 237 20.46 -3.18 8.95
N LYS A 238 21.57 -3.20 9.69
CA LYS A 238 21.56 -3.74 11.04
C LYS A 238 20.63 -2.95 11.95
N GLN A 239 20.66 -1.62 11.86
CA GLN A 239 19.77 -0.80 12.66
C GLN A 239 18.33 -0.94 12.19
N ILE A 240 18.11 -1.01 10.88
CA ILE A 240 16.77 -1.18 10.34
C ILE A 240 16.16 -2.49 10.83
N ALA A 241 16.98 -3.55 10.88
CA ALA A 241 16.47 -4.84 11.33
C ALA A 241 16.15 -4.82 12.81
N TYR A 242 17.00 -4.16 13.62
CA TYR A 242 16.81 -4.16 15.06
C TYR A 242 15.70 -3.21 15.48
N GLN A 243 15.59 -2.05 14.82
CA GLN A 243 14.54 -1.11 15.18
C GLN A 243 13.17 -1.54 14.68
N SER A 244 13.11 -2.51 13.78
CA SER A 244 11.83 -3.01 13.27
C SER A 244 11.30 -4.20 14.06
N GLY A 245 12.08 -4.74 14.99
CA GLY A 245 11.63 -5.82 15.83
C GLY A 245 12.22 -7.18 15.53
N PHE A 246 13.20 -7.27 14.63
CA PHE A 246 13.82 -8.54 14.28
C PHE A 246 15.05 -8.76 15.16
N ALA A 247 15.17 -9.97 15.71
CA ALA A 247 16.27 -10.25 16.63
C ALA A 247 17.61 -10.32 15.92
N SER A 248 17.63 -10.72 14.65
CA SER A 248 18.87 -10.87 13.91
C SER A 248 18.68 -10.34 12.49
N VAL A 249 19.80 -9.93 11.89
CA VAL A 249 19.77 -9.46 10.51
C VAL A 249 19.46 -10.60 9.54
N SER A 250 19.77 -11.83 9.91
CA SER A 250 19.51 -12.96 9.02
C SER A 250 18.02 -13.23 8.89
N TYR A 251 17.30 -13.27 10.00
CA TYR A 251 15.85 -13.50 9.94
C TYR A 251 15.14 -12.32 9.30
N PHE A 252 15.66 -11.11 9.45
CA PHE A 252 15.09 -9.96 8.76
C PHE A 252 15.29 -10.07 7.25
N SER A 253 16.49 -10.48 6.83
CA SER A 253 16.75 -10.62 5.39
C SER A 253 15.92 -11.74 4.79
N THR A 254 15.72 -12.82 5.55
CA THR A 254 14.91 -13.94 5.05
C THR A 254 13.47 -13.52 4.85
N VAL A 255 12.87 -12.88 5.87
CA VAL A 255 11.47 -12.47 5.76
C VAL A 255 11.32 -11.38 4.70
N PHE A 256 12.29 -10.47 4.61
CA PHE A 256 12.22 -9.41 3.62
C PHE A 256 12.28 -9.99 2.21
N LYS A 257 13.20 -10.92 1.97
CA LYS A 257 13.29 -11.55 0.66
C LYS A 257 12.11 -12.48 0.40
N SER A 258 11.53 -13.06 1.45
CA SER A 258 10.31 -13.84 1.31
C SER A 258 9.08 -12.97 1.09
N THR A 259 9.21 -11.66 1.25
CA THR A 259 8.10 -10.72 1.07
C THR A 259 8.25 -9.86 -0.16
N MET A 260 9.43 -9.28 -0.38
CA MET A 260 9.67 -8.38 -1.50
C MET A 260 10.42 -9.05 -2.65
N ASN A 261 10.89 -10.28 -2.47
CA ASN A 261 11.65 -11.01 -3.49
C ASN A 261 12.92 -10.27 -3.90
N VAL A 262 13.43 -9.40 -3.01
CA VAL A 262 14.68 -8.70 -3.21
C VAL A 262 15.44 -8.70 -1.89
N ALA A 263 16.75 -8.55 -1.99
CA ALA A 263 17.56 -8.35 -0.79
C ALA A 263 17.30 -6.96 -0.21
N PRO A 264 17.35 -6.83 1.11
CA PRO A 264 17.15 -5.51 1.73
C PRO A 264 18.10 -4.44 1.21
N SER A 265 19.33 -4.81 0.86
CA SER A 265 20.27 -3.84 0.29
C SER A 265 19.88 -3.48 -1.13
N GLU A 266 19.22 -4.38 -1.85
CA GLU A 266 18.81 -4.10 -3.22
C GLU A 266 17.71 -3.04 -3.24
N TYR A 267 16.81 -3.06 -2.26
CA TYR A 267 15.76 -2.05 -2.19
C TYR A 267 16.35 -0.68 -1.83
N LEU A 268 17.45 -0.67 -1.07
CA LEU A 268 18.13 0.60 -0.80
C LEU A 268 18.73 1.19 -2.07
N PHE A 269 19.10 0.33 -3.03
CA PHE A 269 19.62 0.81 -4.30
C PHE A 269 18.52 1.28 -5.23
N MET A 270 17.33 0.68 -5.13
CA MET A 270 16.19 1.14 -5.93
C MET A 270 15.77 2.54 -5.55
N LEU A 271 16.01 2.95 -4.29
CA LEU A 271 15.67 4.30 -3.87
C LEU A 271 16.78 5.27 -4.24
N THR A 272 18.03 4.91 -3.95
CA THR A 272 19.18 5.74 -4.31
C THR A 272 20.44 4.89 -4.41
#